data_8QY3
#
_entry.id   8QY3
#
_cell.length_a   80.838
_cell.length_b   80.838
_cell.length_c   131.543
_cell.angle_alpha   90.00
_cell.angle_beta   90.00
_cell.angle_gamma   90.00
#
_symmetry.space_group_name_H-M   'I 41 2 2'
#
loop_
_entity.id
_entity.type
_entity.pdbx_description
1 polymer Endo-1,4-beta-xylanase
2 branched beta-D-xylopyranose-(1-4)-beta-D-xylopyranose-(1-4)-beta-D-xylopyranose
3 non-polymer 'ZINC ION'
4 non-polymer 2-[BIS-(2-HYDROXY-ETHYL)-AMINO]-2-HYDROXYMETHYL-PROPANE-1,3-DIOL
5 non-polymer GLYCEROL
6 non-polymer 'ACETATE ION'
7 water water
#
_entity_poly.entity_id   1
_entity_poly.type   'polypeptide(L)'
_entity_poly.pdbx_seq_one_letter_code
;ASTDYWQNWTDGGGIVNAVNGSGGNYSVNWSNTGNFVVGKGWTTGSPFRTINYNAGVWAPNGNGYLTLYGWTRSPLIQYY
VVDSWGTYRPTGTYKGTVKSDGGTYDIYTTTRYNAPSIDGDRTTATQYWSVRQSKRPTGSNATITFTNHVNAWKSHGMNL
GSNWAYQVMATEGYQSSGSSNVTVW
;
_entity_poly.pdbx_strand_id   A
#
# COMPACT_ATOMS: atom_id res chain seq x y z
N ALA A 1 3.23 -2.86 18.44
CA ALA A 1 4.59 -2.37 18.07
C ALA A 1 4.51 -1.11 17.20
N SER A 2 5.27 -0.07 17.57
CA SER A 2 5.26 1.19 16.80
C SER A 2 6.01 0.99 15.48
N THR A 3 5.81 1.92 14.57
CA THR A 3 6.52 1.84 13.27
C THR A 3 8.04 1.88 13.46
N ASP A 4 8.76 1.15 12.63
CA ASP A 4 10.23 1.14 12.70
C ASP A 4 10.82 1.20 11.30
N TYR A 5 9.99 1.48 10.28
CA TYR A 5 10.49 1.37 8.92
C TYR A 5 10.03 2.58 8.12
N TRP A 6 10.98 3.23 7.46
CA TRP A 6 10.75 4.34 6.54
C TRP A 6 10.98 3.90 5.10
N GLN A 7 9.90 3.96 4.29
CA GLN A 7 9.96 3.59 2.89
C GLN A 7 10.01 4.88 2.08
N ASN A 8 11.02 5.02 1.23
CA ASN A 8 11.13 6.21 0.44
C ASN A 8 11.87 5.87 -0.85
N TRP A 9 11.14 5.53 -1.90
CA TRP A 9 11.71 5.07 -3.14
C TRP A 9 11.10 5.89 -4.27
N THR A 10 11.91 6.25 -5.24
CA THR A 10 11.46 6.92 -6.45
C THR A 10 12.31 6.39 -7.59
N ASP A 11 11.71 6.22 -8.76
CA ASP A 11 12.43 5.83 -9.95
C ASP A 11 13.21 7.00 -10.53
N GLY A 12 13.16 8.18 -9.90
CA GLY A 12 13.91 9.36 -10.28
C GLY A 12 13.14 10.33 -11.18
N GLY A 13 11.90 9.97 -11.57
CA GLY A 13 11.10 10.84 -12.39
C GLY A 13 10.39 11.90 -11.55
N GLY A 14 10.53 13.14 -11.98
CA GLY A 14 9.84 14.26 -11.33
C GLY A 14 10.31 14.55 -9.91
N ILE A 15 9.43 15.19 -9.14
CA ILE A 15 9.81 15.63 -7.78
C ILE A 15 9.04 14.82 -6.76
N VAL A 16 9.77 14.19 -5.85
CA VAL A 16 9.12 13.45 -4.74
C VAL A 16 9.67 14.03 -3.43
N ASN A 17 9.06 14.99 -2.92
N ASN A 17 9.06 14.96 -2.89
CA ASN A 17 9.45 15.62 -1.65
CA ASN A 17 9.59 15.56 -1.68
C ASN A 17 8.82 14.82 -0.51
C ASN A 17 8.90 14.91 -0.49
N ALA A 18 9.58 13.91 0.09
CA ALA A 18 9.08 13.06 1.17
C ALA A 18 9.72 13.53 2.46
N VAL A 19 8.92 13.66 3.49
CA VAL A 19 9.40 14.02 4.82
C VAL A 19 9.12 12.89 5.79
N ASN A 20 10.19 12.40 6.45
CA ASN A 20 10.10 11.47 7.56
C ASN A 20 9.85 12.27 8.81
N GLY A 21 8.60 12.34 9.25
CA GLY A 21 8.23 13.15 10.37
C GLY A 21 8.35 12.38 11.68
N SER A 22 7.76 13.00 12.71
CA SER A 22 7.78 12.46 14.07
C SER A 22 7.01 11.18 14.08
N GLY A 23 7.47 10.19 14.84
CA GLY A 23 6.70 9.00 15.07
C GLY A 23 6.34 8.33 13.75
N GLY A 24 5.05 8.09 13.60
CA GLY A 24 4.56 7.42 12.41
C GLY A 24 4.15 8.39 11.32
N ASN A 25 4.41 9.67 11.47
CA ASN A 25 3.94 10.70 10.55
C ASN A 25 4.91 10.89 9.39
N TYR A 26 4.35 11.08 8.19
CA TYR A 26 5.14 11.46 7.03
C TYR A 26 4.28 12.30 6.11
N SER A 27 4.97 12.96 5.17
CA SER A 27 4.29 13.70 4.14
C SER A 27 5.00 13.46 2.82
N VAL A 28 4.23 13.64 1.74
CA VAL A 28 4.80 13.63 0.39
C VAL A 28 4.14 14.76 -0.39
N ASN A 29 4.99 15.53 -1.08
CA ASN A 29 4.50 16.50 -2.04
C ASN A 29 5.26 16.19 -3.31
N TRP A 30 4.51 15.77 -4.33
CA TRP A 30 5.12 15.27 -5.54
C TRP A 30 4.62 16.03 -6.77
N SER A 31 5.44 16.03 -7.81
CA SER A 31 5.18 16.79 -9.02
C SER A 31 5.66 16.03 -10.25
N ASN A 32 4.70 15.73 -11.15
CA ASN A 32 4.99 15.17 -12.48
C ASN A 32 5.94 14.00 -12.43
N THR A 33 5.56 12.98 -11.64
CA THR A 33 6.48 11.93 -11.31
C THR A 33 6.47 10.77 -12.30
N GLY A 34 7.51 9.96 -12.17
CA GLY A 34 7.42 8.56 -12.53
C GLY A 34 6.75 7.79 -11.39
N ASN A 35 7.23 6.60 -11.08
CA ASN A 35 6.72 5.77 -10.01
C ASN A 35 7.55 6.04 -8.75
N PHE A 36 6.84 6.09 -7.62
CA PHE A 36 7.46 6.25 -6.33
C PHE A 36 6.56 5.61 -5.29
N VAL A 37 7.17 5.22 -4.17
CA VAL A 37 6.47 4.61 -3.06
C VAL A 37 7.09 5.21 -1.79
N VAL A 38 6.27 5.89 -0.99
CA VAL A 38 6.69 6.48 0.28
C VAL A 38 5.75 6.02 1.38
N GLY A 39 6.30 5.63 2.54
CA GLY A 39 5.40 5.37 3.65
C GLY A 39 6.14 4.96 4.91
N LYS A 40 5.36 4.70 5.95
CA LYS A 40 5.90 4.23 7.20
C LYS A 40 5.20 2.96 7.60
N GLY A 41 5.96 2.11 8.28
CA GLY A 41 5.41 0.89 8.81
C GLY A 41 6.49 0.09 9.50
N TRP A 42 6.57 -1.16 9.15
CA TRP A 42 7.36 -2.13 9.91
C TRP A 42 8.32 -2.86 8.99
N THR A 43 9.54 -3.05 9.50
CA THR A 43 10.57 -3.78 8.81
C THR A 43 10.17 -5.23 8.52
N THR A 44 9.54 -5.88 9.49
CA THR A 44 9.00 -7.21 9.33
C THR A 44 7.47 -7.16 9.40
N GLY A 45 6.84 -7.42 8.25
CA GLY A 45 5.40 -7.56 8.16
C GLY A 45 4.87 -8.73 9.01
N SER A 46 3.58 -8.61 9.31
CA SER A 46 2.88 -9.69 10.02
C SER A 46 1.49 -9.86 9.38
N PRO A 47 1.01 -11.10 9.18
CA PRO A 47 -0.35 -11.29 8.70
C PRO A 47 -1.39 -11.02 9.80
N PHE A 48 -0.90 -10.78 11.02
CA PHE A 48 -1.83 -10.57 12.16
C PHE A 48 -1.82 -9.10 12.59
N ARG A 49 -1.12 -8.26 11.84
CA ARG A 49 -1.01 -6.86 12.29
C ARG A 49 -2.24 -6.03 11.94
N THR A 50 -2.66 -5.19 12.89
CA THR A 50 -3.70 -4.20 12.59
C THR A 50 -2.96 -2.90 12.33
N ILE A 51 -3.04 -2.41 11.10
CA ILE A 51 -2.41 -1.16 10.75
C ILE A 51 -3.42 -0.04 10.98
N ASN A 52 -3.03 0.96 11.73
CA ASN A 52 -3.84 2.12 11.94
C ASN A 52 -3.21 3.28 11.19
N TYR A 53 -4.05 4.19 10.68
CA TYR A 53 -3.49 5.39 10.09
C TYR A 53 -4.52 6.49 10.12
N ASN A 54 -4.05 7.70 9.91
CA ASN A 54 -4.90 8.85 9.73
C ASN A 54 -4.26 9.66 8.62
N ALA A 55 -4.96 9.73 7.48
CA ALA A 55 -4.49 10.52 6.37
C ALA A 55 -5.10 11.92 6.47
N GLY A 56 -4.36 12.83 7.09
CA GLY A 56 -4.85 14.18 7.25
C GLY A 56 -4.92 14.89 5.91
N VAL A 57 -4.04 14.49 4.97
CA VAL A 57 -4.08 14.98 3.59
C VAL A 57 -4.04 13.80 2.64
N TRP A 58 -5.07 13.75 1.77
CA TRP A 58 -5.04 12.80 0.64
C TRP A 58 -5.48 13.58 -0.59
N ALA A 59 -4.48 14.07 -1.36
CA ALA A 59 -4.77 14.97 -2.45
C ALA A 59 -3.90 14.60 -3.66
N PRO A 60 -4.18 13.44 -4.26
CA PRO A 60 -3.54 13.11 -5.55
C PRO A 60 -4.16 13.90 -6.67
N ASN A 61 -3.32 14.26 -7.64
CA ASN A 61 -3.73 14.85 -8.91
C ASN A 61 -3.21 13.95 -10.03
N GLY A 62 -3.97 12.86 -10.27
CA GLY A 62 -3.59 11.77 -11.13
C GLY A 62 -3.51 10.47 -10.36
N ASN A 63 -2.69 9.55 -10.83
CA ASN A 63 -2.59 8.25 -10.22
C ASN A 63 -1.78 8.33 -8.93
N GLY A 64 -2.47 8.18 -7.79
CA GLY A 64 -1.84 7.92 -6.52
C GLY A 64 -2.71 6.94 -5.77
N TYR A 65 -2.06 6.08 -4.97
CA TYR A 65 -2.74 5.12 -4.11
C TYR A 65 -2.39 5.41 -2.66
N LEU A 66 -3.42 5.37 -1.85
CA LEU A 66 -3.27 5.38 -0.39
C LEU A 66 -3.53 3.95 0.05
N THR A 67 -2.45 3.23 0.38
CA THR A 67 -2.52 1.78 0.35
C THR A 67 -1.56 1.14 1.36
N LEU A 68 -2.02 0.07 2.01
CA LEU A 68 -1.04 -0.84 2.60
C LEU A 68 -0.19 -1.40 1.47
N TYR A 69 1.10 -1.59 1.70
CA TYR A 69 2.05 -1.95 0.68
C TYR A 69 3.05 -2.86 1.38
N GLY A 70 3.24 -4.08 0.90
CA GLY A 70 4.23 -4.93 1.54
C GLY A 70 4.64 -6.07 0.64
N TRP A 71 5.63 -6.84 1.15
CA TRP A 71 6.17 -7.96 0.43
C TRP A 71 6.37 -9.15 1.36
N THR A 72 6.34 -10.30 0.69
CA THR A 72 6.74 -11.55 1.36
C THR A 72 7.70 -12.27 0.43
N ARG A 73 8.59 -13.07 0.98
N ARG A 73 8.59 -13.07 0.98
CA ARG A 73 9.51 -13.88 0.15
CA ARG A 73 9.51 -13.89 0.14
C ARG A 73 9.20 -15.35 0.42
C ARG A 73 9.20 -15.35 0.42
N SER A 74 9.66 -16.25 -0.46
CA SER A 74 9.41 -17.71 -0.28
C SER A 74 7.91 -18.04 -0.27
N PRO A 75 7.17 -17.84 -1.36
CA PRO A 75 7.65 -17.15 -2.54
C PRO A 75 7.51 -15.62 -2.52
N LEU A 76 8.12 -14.98 -3.50
CA LEU A 76 8.05 -13.50 -3.60
C LEU A 76 6.65 -13.08 -4.04
N ILE A 77 5.96 -12.37 -3.15
CA ILE A 77 4.63 -11.86 -3.43
C ILE A 77 4.54 -10.44 -2.89
N GLN A 78 4.00 -9.56 -3.72
CA GLN A 78 3.75 -8.20 -3.30
C GLN A 78 2.25 -8.07 -2.99
N TYR A 79 1.87 -7.32 -1.98
CA TYR A 79 0.44 -7.16 -1.67
C TYR A 79 0.13 -5.68 -1.46
N TYR A 80 -1.17 -5.40 -1.66
CA TYR A 80 -1.75 -4.09 -1.48
C TYR A 80 -3.10 -4.21 -0.82
N VAL A 81 -3.39 -3.27 0.05
CA VAL A 81 -4.74 -3.01 0.49
C VAL A 81 -5.00 -1.55 0.25
N VAL A 82 -5.69 -1.27 -0.88
CA VAL A 82 -5.88 0.09 -1.34
C VAL A 82 -7.15 0.68 -0.75
N ASP A 83 -7.01 1.75 0.04
CA ASP A 83 -8.15 2.42 0.65
C ASP A 83 -8.61 3.62 -0.16
N SER A 84 -7.70 4.33 -0.83
CA SER A 84 -8.12 5.43 -1.67
C SER A 84 -7.13 5.58 -2.81
N TRP A 85 -7.49 6.39 -3.78
CA TRP A 85 -6.70 6.53 -5.00
C TRP A 85 -7.03 7.90 -5.58
N GLY A 86 -6.52 8.14 -6.79
CA GLY A 86 -6.72 9.38 -7.51
C GLY A 86 -7.60 9.16 -8.74
N THR A 87 -6.98 9.26 -9.92
CA THR A 87 -7.71 9.12 -11.16
C THR A 87 -7.79 7.68 -11.63
N TYR A 88 -7.20 6.73 -10.91
CA TYR A 88 -7.12 5.36 -11.40
C TYR A 88 -7.35 4.39 -10.25
N ARG A 89 -8.40 3.57 -10.41
CA ARG A 89 -8.65 2.53 -9.42
C ARG A 89 -7.99 1.27 -9.90
N PRO A 90 -7.00 0.71 -9.16
CA PRO A 90 -6.29 -0.45 -9.65
C PRO A 90 -7.15 -1.69 -9.61
N THR A 91 -7.04 -2.48 -10.67
CA THR A 91 -7.78 -3.71 -10.84
C THR A 91 -6.89 -4.78 -11.44
N GLY A 92 -7.44 -5.97 -11.52
CA GLY A 92 -6.72 -7.12 -12.04
C GLY A 92 -7.73 -8.23 -12.31
N THR A 93 -7.28 -9.48 -12.16
CA THR A 93 -8.17 -10.63 -12.28
C THR A 93 -9.04 -10.65 -11.04
N TYR A 94 -10.37 -10.61 -11.21
CA TYR A 94 -11.28 -10.57 -10.10
C TYR A 94 -11.43 -11.94 -9.44
N LYS A 95 -11.28 -11.94 -8.13
CA LYS A 95 -11.29 -13.17 -7.35
C LYS A 95 -12.50 -13.24 -6.41
N GLY A 96 -13.04 -12.12 -5.96
CA GLY A 96 -14.06 -12.08 -4.94
C GLY A 96 -13.98 -10.74 -4.22
N THR A 97 -14.55 -10.69 -3.02
CA THR A 97 -14.55 -9.48 -2.20
C THR A 97 -14.21 -9.86 -0.77
N VAL A 98 -13.87 -8.83 -0.02
CA VAL A 98 -13.74 -8.99 1.42
C VAL A 98 -14.29 -7.75 2.09
N LYS A 99 -15.06 -7.95 3.15
N LYS A 99 -15.01 -7.93 3.20
CA LYS A 99 -15.47 -6.88 4.03
CA LYS A 99 -15.51 -6.84 4.01
C LYS A 99 -14.44 -6.75 5.16
C LYS A 99 -14.64 -6.69 5.25
N SER A 100 -14.07 -5.49 5.43
CA SER A 100 -13.14 -5.25 6.53
C SER A 100 -13.19 -3.78 6.86
N ASP A 101 -13.21 -3.48 8.17
CA ASP A 101 -13.02 -2.12 8.62
C ASP A 101 -14.02 -1.16 7.98
N GLY A 102 -15.27 -1.59 7.88
CA GLY A 102 -16.35 -0.75 7.44
C GLY A 102 -16.42 -0.58 5.94
N GLY A 103 -15.53 -1.24 5.20
CA GLY A 103 -15.55 -1.17 3.76
C GLY A 103 -15.70 -2.53 3.10
N THR A 104 -16.04 -2.53 1.82
CA THR A 104 -15.95 -3.72 1.00
C THR A 104 -14.86 -3.49 -0.04
N TYR A 105 -14.04 -4.52 -0.19
CA TYR A 105 -12.91 -4.54 -1.10
C TYR A 105 -13.12 -5.61 -2.15
N ASP A 106 -12.79 -5.30 -3.40
CA ASP A 106 -12.63 -6.33 -4.40
C ASP A 106 -11.22 -6.89 -4.27
N ILE A 107 -11.12 -8.21 -4.51
CA ILE A 107 -9.89 -8.92 -4.49
C ILE A 107 -9.44 -9.17 -5.90
N TYR A 108 -8.18 -8.83 -6.18
CA TYR A 108 -7.61 -9.01 -7.49
C TYR A 108 -6.24 -9.64 -7.40
N THR A 109 -5.84 -10.36 -8.47
CA THR A 109 -4.46 -10.72 -8.69
C THR A 109 -3.97 -10.09 -9.99
N THR A 110 -2.68 -9.82 -10.00
CA THR A 110 -2.02 -9.33 -11.22
C THR A 110 -0.60 -9.87 -11.21
N THR A 111 0.02 -9.97 -12.39
CA THR A 111 1.46 -10.32 -12.48
C THR A 111 2.13 -9.18 -13.27
N ARG A 112 3.11 -8.50 -12.68
CA ARG A 112 3.72 -7.33 -13.35
C ARG A 112 5.19 -7.62 -13.70
N TYR A 113 5.51 -7.53 -14.98
CA TYR A 113 6.91 -7.69 -15.42
C TYR A 113 7.59 -6.33 -15.30
N ASN A 114 8.89 -6.35 -15.01
CA ASN A 114 9.66 -5.09 -14.83
C ASN A 114 9.00 -4.24 -13.73
N ALA A 115 8.58 -4.88 -12.65
CA ALA A 115 8.01 -4.12 -11.52
C ALA A 115 9.11 -3.79 -10.52
N PRO A 116 8.99 -2.72 -9.73
CA PRO A 116 9.95 -2.46 -8.69
C PRO A 116 10.01 -3.68 -7.77
N SER A 117 11.21 -4.02 -7.33
CA SER A 117 11.40 -5.15 -6.41
C SER A 117 11.36 -4.63 -4.97
N ILE A 118 11.55 -5.52 -4.01
CA ILE A 118 11.58 -5.10 -2.58
C ILE A 118 12.55 -3.93 -2.41
N ASP A 119 13.75 -4.03 -3.01
CA ASP A 119 14.80 -3.01 -2.79
C ASP A 119 14.85 -1.93 -3.88
N GLY A 120 13.88 -1.89 -4.78
CA GLY A 120 13.88 -0.79 -5.75
C GLY A 120 14.55 -1.18 -7.04
N ASP A 121 15.03 -2.41 -7.12
CA ASP A 121 15.53 -2.89 -8.42
C ASP A 121 14.27 -3.33 -9.18
N ARG A 122 14.39 -4.30 -10.09
CA ARG A 122 13.23 -4.71 -10.91
C ARG A 122 13.03 -6.22 -10.81
N THR A 123 11.78 -6.66 -11.01
CA THR A 123 11.48 -8.09 -10.87
C THR A 123 10.11 -8.41 -11.47
N THR A 124 9.86 -9.69 -11.71
CA THR A 124 8.51 -10.13 -12.11
C THR A 124 7.78 -10.27 -10.77
N ALA A 125 6.70 -9.52 -10.61
CA ALA A 125 6.02 -9.52 -9.31
C ALA A 125 4.62 -10.11 -9.37
N THR A 126 4.38 -11.12 -8.56
CA THR A 126 2.99 -11.60 -8.39
C THR A 126 2.39 -10.67 -7.33
N GLN A 127 1.23 -10.11 -7.63
CA GLN A 127 0.62 -9.12 -6.72
C GLN A 127 -0.80 -9.51 -6.28
N TYR A 128 -1.06 -9.42 -4.98
CA TYR A 128 -2.37 -9.63 -4.41
C TYR A 128 -2.92 -8.26 -4.02
N TRP A 129 -4.19 -8.00 -4.33
CA TRP A 129 -4.82 -6.73 -4.06
C TRP A 129 -6.15 -6.92 -3.34
N SER A 130 -6.39 -6.09 -2.37
CA SER A 130 -7.73 -5.73 -1.96
C SER A 130 -7.90 -4.27 -2.28
N VAL A 131 -8.92 -3.94 -3.05
CA VAL A 131 -9.12 -2.57 -3.47
C VAL A 131 -10.51 -2.13 -3.07
N ARG A 132 -10.60 -1.04 -2.29
CA ARG A 132 -11.89 -0.66 -1.73
C ARG A 132 -12.82 -0.35 -2.90
N GLN A 133 -14.12 -0.68 -2.75
CA GLN A 133 -15.04 -0.44 -3.85
C GLN A 133 -15.33 1.04 -4.07
N SER A 134 -15.17 1.86 -3.05
CA SER A 134 -15.25 3.29 -3.14
C SER A 134 -14.12 3.83 -2.28
N LYS A 135 -13.69 5.05 -2.58
CA LYS A 135 -12.62 5.66 -1.81
C LYS A 135 -13.01 5.85 -0.35
N ARG A 136 -12.10 5.43 0.52
CA ARG A 136 -12.35 5.52 1.95
C ARG A 136 -12.26 6.96 2.38
N PRO A 137 -13.22 7.46 3.17
CA PRO A 137 -13.05 8.80 3.71
C PRO A 137 -11.73 8.87 4.49
N THR A 138 -11.10 10.05 4.40
CA THR A 138 -9.83 10.30 5.04
C THR A 138 -10.00 11.45 6.03
N GLY A 139 -9.09 11.48 7.00
CA GLY A 139 -8.99 12.56 7.96
C GLY A 139 -9.39 12.14 9.36
N SER A 140 -9.95 10.95 9.50
CA SER A 140 -10.18 10.31 10.77
C SER A 140 -9.32 9.06 10.90
N ASN A 141 -9.24 8.53 12.12
CA ASN A 141 -8.44 7.36 12.36
C ASN A 141 -9.11 6.20 11.64
N ALA A 142 -8.30 5.44 10.96
CA ALA A 142 -8.73 4.31 10.14
C ALA A 142 -7.91 3.07 10.48
N THR A 143 -8.54 1.91 10.45
N THR A 143 -8.54 1.91 10.38
CA THR A 143 -7.86 0.65 10.68
CA THR A 143 -7.88 0.65 10.64
C THR A 143 -7.90 -0.20 9.40
C THR A 143 -7.91 -0.21 9.38
N ILE A 144 -6.80 -0.90 9.13
CA ILE A 144 -6.77 -2.02 8.22
C ILE A 144 -6.46 -3.24 9.07
N THR A 145 -7.48 -4.07 9.23
CA THR A 145 -7.35 -5.33 9.96
C THR A 145 -6.80 -6.33 8.97
N PHE A 146 -5.49 -6.40 8.84
CA PHE A 146 -4.90 -7.09 7.72
C PHE A 146 -5.21 -8.58 7.72
N THR A 147 -5.39 -9.17 8.91
N THR A 147 -5.39 -9.19 8.91
CA THR A 147 -5.70 -10.59 8.94
CA THR A 147 -5.70 -10.61 8.97
C THR A 147 -6.93 -10.87 8.09
C THR A 147 -6.97 -10.90 8.15
N ASN A 148 -7.89 -9.94 8.06
CA ASN A 148 -9.10 -10.17 7.29
C ASN A 148 -8.77 -10.36 5.82
N HIS A 149 -7.82 -9.56 5.33
CA HIS A 149 -7.40 -9.65 3.94
C HIS A 149 -6.60 -10.92 3.71
N VAL A 150 -5.63 -11.20 4.59
CA VAL A 150 -4.84 -12.42 4.44
C VAL A 150 -5.76 -13.64 4.38
N ASN A 151 -6.72 -13.71 5.29
CA ASN A 151 -7.62 -14.88 5.33
C ASN A 151 -8.48 -14.96 4.08
N ALA A 152 -9.02 -13.82 3.64
CA ALA A 152 -9.82 -13.79 2.42
C ALA A 152 -9.01 -14.22 1.21
N TRP A 153 -7.79 -13.73 1.09
CA TRP A 153 -6.90 -14.12 0.04
C TRP A 153 -6.65 -15.63 0.09
N LYS A 154 -6.33 -16.14 1.28
CA LYS A 154 -6.03 -17.55 1.43
C LYS A 154 -7.21 -18.38 0.94
N SER A 155 -8.42 -17.94 1.33
CA SER A 155 -9.64 -18.63 0.98
C SER A 155 -9.90 -18.65 -0.51
N HIS A 156 -9.28 -17.73 -1.27
CA HIS A 156 -9.41 -17.69 -2.72
C HIS A 156 -8.12 -18.19 -3.37
N GLY A 157 -7.31 -18.98 -2.64
CA GLY A 157 -6.15 -19.60 -3.26
C GLY A 157 -4.91 -18.72 -3.39
N MET A 158 -4.93 -17.59 -2.68
CA MET A 158 -3.88 -16.61 -2.76
C MET A 158 -3.08 -16.66 -1.48
N ASN A 159 -1.98 -17.44 -1.53
CA ASN A 159 -1.15 -17.68 -0.37
C ASN A 159 0.08 -16.78 -0.39
N LEU A 160 0.38 -16.16 0.75
CA LEU A 160 1.57 -15.32 0.85
C LEU A 160 2.81 -16.17 1.14
N GLY A 161 4.01 -15.60 0.88
CA GLY A 161 5.26 -16.24 1.26
C GLY A 161 5.43 -16.37 2.77
N SER A 162 6.39 -17.20 3.20
CA SER A 162 6.61 -17.51 4.61
C SER A 162 7.59 -16.52 5.24
N ASN A 163 8.29 -15.77 4.39
CA ASN A 163 9.24 -14.83 4.90
C ASN A 163 8.68 -13.42 4.69
N TRP A 164 8.66 -12.61 5.75
CA TRP A 164 8.00 -11.32 5.66
C TRP A 164 9.04 -10.22 5.54
N ALA A 165 8.92 -9.42 4.48
CA ALA A 165 9.65 -8.17 4.40
C ALA A 165 8.78 -7.01 4.89
N TYR A 166 9.09 -5.79 4.46
CA TYR A 166 8.50 -4.61 5.07
C TYR A 166 6.99 -4.52 4.74
N GLN A 167 6.31 -3.75 5.54
CA GLN A 167 4.87 -3.62 5.50
C GLN A 167 4.53 -2.21 5.90
N VAL A 168 4.11 -1.37 4.93
CA VAL A 168 3.97 0.04 5.20
C VAL A 168 2.62 0.57 4.74
N MET A 169 2.19 1.65 5.35
CA MET A 169 1.04 2.40 4.86
C MET A 169 1.55 3.52 4.00
N ALA A 170 1.35 3.36 2.68
CA ALA A 170 2.10 4.10 1.67
C ALA A 170 1.23 5.04 0.83
N THR A 171 1.94 6.02 0.29
CA THR A 171 1.54 6.75 -0.87
C THR A 171 2.34 6.23 -2.05
N GLU A 172 1.68 5.61 -3.02
CA GLU A 172 2.34 5.25 -4.26
C GLU A 172 1.79 6.16 -5.36
N GLY A 173 2.66 6.65 -6.21
CA GLY A 173 2.18 7.43 -7.34
C GLY A 173 2.81 7.00 -8.63
N TYR A 174 2.16 7.38 -9.73
CA TYR A 174 2.72 7.20 -11.04
C TYR A 174 2.19 8.30 -11.95
N GLN A 175 3.07 9.04 -12.63
CA GLN A 175 2.62 9.97 -13.66
C GLN A 175 1.64 10.95 -13.07
N SER A 176 1.98 11.54 -11.93
CA SER A 176 1.05 12.40 -11.26
C SER A 176 1.78 13.44 -10.41
N SER A 177 0.94 14.27 -9.80
CA SER A 177 1.36 15.23 -8.79
C SER A 177 0.43 15.05 -7.62
N GLY A 178 0.82 15.57 -6.45
CA GLY A 178 -0.12 15.50 -5.34
C GLY A 178 0.52 15.84 -4.03
N SER A 179 -0.29 15.74 -3.00
CA SER A 179 0.09 15.89 -1.61
C SER A 179 -0.55 14.80 -0.79
N SER A 180 0.21 14.28 0.16
CA SER A 180 -0.34 13.40 1.19
C SER A 180 0.33 13.70 2.53
N ASN A 181 -0.38 13.38 3.59
CA ASN A 181 0.12 13.48 4.94
C ASN A 181 -0.58 12.41 5.75
N VAL A 182 0.21 11.49 6.31
CA VAL A 182 -0.31 10.25 6.85
C VAL A 182 0.46 9.98 8.12
N THR A 183 -0.27 9.57 9.18
CA THR A 183 0.36 9.03 10.36
C THR A 183 -0.05 7.57 10.51
N VAL A 184 0.94 6.74 10.78
CA VAL A 184 0.77 5.30 10.87
C VAL A 184 1.10 4.83 12.29
N TRP A 185 0.38 3.82 12.77
CA TRP A 185 0.69 3.22 14.06
C TRP A 185 0.07 1.83 14.17
#